data_7OI5
#
_entry.id   7OI5
#
_cell.length_a   116.046
_cell.length_b   55.380
_cell.length_c   167.735
_cell.angle_alpha   90.000
_cell.angle_beta   109.050
_cell.angle_gamma   90.000
#
_symmetry.space_group_name_H-M   'C 1 2 1'
#
loop_
_entity.id
_entity.type
_entity.pdbx_description
1 polymer 'AP-2 complex subunit mu,F-BAR domain only protein 2'
2 non-polymer GLYCEROL
3 water water
#
_entity_poly.entity_id   1
_entity_poly.type   'polypeptide(L)'
_entity_poly.pdbx_seq_one_letter_code
;PGIHMQIGWRREGIKYRRNELFLDVLESVNLLMSPQGQVLSAHVSGRVVMKSYLSGMPECKFGMNDKIVIEKQGKGTADE
TSKSGKQSIAIDDCTFHQCVRLSKFDSERSISFIPPDGEFELMRYRTTKDIILPFRVIPLVREVGRTKLEVKVVIKSNFK
PSLLAQKIEVRIPTPLNTSGVQVICMKGKAKYKASENAIVWKIKRMAGMKESQISAEIELLPTNDKKKWARPPISMNFEV
PFAPSGLKVRYLKVFEPKLNYSDHDVIKWVRYIGRSGIYETRCGASGSAGSAGPSGAGSAGSAGPSAGSAGSAGSGSAGS
APGPDVDEEGYSIKPETNQNDTKENHFYSSSDSDSEDEE
;
_entity_poly.pdbx_strand_id   B,D
#
# COMPACT_ATOMS: atom_id res chain seq x y z
N PRO A 1 34.51 -2.33 -54.46
CA PRO A 1 34.08 -3.51 -53.71
C PRO A 1 34.56 -3.51 -52.26
N GLY A 2 34.19 -2.46 -51.52
CA GLY A 2 34.55 -2.34 -50.11
C GLY A 2 33.61 -1.44 -49.35
N ILE A 3 32.82 -2.02 -48.46
CA ILE A 3 31.76 -1.28 -47.77
C ILE A 3 32.32 -0.63 -46.52
N HIS A 4 31.97 0.64 -46.32
CA HIS A 4 32.51 1.45 -45.23
C HIS A 4 31.42 1.66 -44.19
N MET A 5 31.52 0.92 -43.09
CA MET A 5 30.60 1.08 -41.96
C MET A 5 30.84 2.42 -41.29
N GLN A 6 29.77 3.20 -41.11
CA GLN A 6 29.85 4.50 -40.43
C GLN A 6 28.82 4.54 -39.31
N ILE A 7 29.30 4.36 -38.09
CA ILE A 7 28.46 4.41 -36.90
C ILE A 7 28.00 5.84 -36.67
N GLY A 8 26.67 6.04 -36.62
CA GLY A 8 26.13 7.37 -36.41
C GLY A 8 26.43 7.94 -35.03
N TRP A 9 26.77 7.09 -34.06
CA TRP A 9 26.97 7.53 -32.69
C TRP A 9 28.42 7.51 -32.25
N ARG A 10 29.36 7.31 -33.16
CA ARG A 10 30.78 7.34 -32.80
C ARG A 10 31.61 7.65 -34.03
N ARG A 11 32.30 8.80 -34.01
CA ARG A 11 33.22 9.15 -35.07
C ARG A 11 34.44 8.23 -35.05
N GLU A 12 35.23 8.30 -36.11
CA GLU A 12 36.47 7.53 -36.19
C GLU A 12 37.66 8.39 -35.81
N GLY A 13 38.73 7.73 -35.40
CA GLY A 13 39.95 8.42 -35.04
C GLY A 13 39.99 9.02 -33.66
N ILE A 14 39.16 8.54 -32.74
CA ILE A 14 39.20 9.03 -31.37
C ILE A 14 40.46 8.53 -30.68
N LYS A 15 41.14 9.41 -29.96
CA LYS A 15 42.37 9.09 -29.26
C LYS A 15 42.28 9.59 -27.83
N TYR A 16 42.61 8.72 -26.88
CA TYR A 16 42.76 9.08 -25.49
C TYR A 16 44.16 8.73 -25.04
N ARG A 17 44.77 9.61 -24.24
CA ARG A 17 46.09 9.33 -23.70
C ARG A 17 46.09 8.10 -22.82
N ARG A 18 44.97 7.84 -22.14
CA ARG A 18 44.82 6.69 -21.26
C ARG A 18 43.44 6.08 -21.49
N ASN A 19 43.41 4.83 -21.94
CA ASN A 19 42.15 4.15 -22.21
C ASN A 19 41.48 3.76 -20.90
N GLU A 20 40.32 4.35 -20.61
CA GLU A 20 39.61 4.07 -19.37
C GLU A 20 38.12 4.32 -19.57
N LEU A 21 37.33 3.76 -18.66
CA LEU A 21 35.88 3.86 -18.74
C LEU A 21 35.30 3.95 -17.33
N PHE A 22 34.08 4.50 -17.25
CA PHE A 22 33.35 4.63 -16.00
C PHE A 22 32.00 3.92 -16.12
N LEU A 23 31.57 3.30 -15.03
CA LEU A 23 30.24 2.71 -14.95
C LEU A 23 29.54 3.22 -13.70
N ASP A 24 28.37 3.82 -13.88
CA ASP A 24 27.53 4.27 -12.78
C ASP A 24 26.24 3.47 -12.80
N VAL A 25 25.98 2.74 -11.70
CA VAL A 25 24.75 1.98 -11.54
C VAL A 25 23.84 2.79 -10.62
N LEU A 26 22.81 3.38 -11.19
CA LEU A 26 21.94 4.31 -10.49
C LEU A 26 20.54 3.70 -10.36
N GLU A 27 20.16 3.31 -9.15
CA GLU A 27 18.89 2.65 -8.89
C GLU A 27 18.06 3.47 -7.92
N SER A 28 16.76 3.52 -8.17
CA SER A 28 15.77 4.07 -7.24
C SER A 28 14.91 2.92 -6.73
N VAL A 29 14.91 2.70 -5.42
CA VAL A 29 14.16 1.62 -4.80
C VAL A 29 12.91 2.21 -4.14
N ASN A 30 11.75 1.67 -4.49
CA ASN A 30 10.47 2.15 -3.98
C ASN A 30 9.80 1.06 -3.17
N LEU A 31 8.97 1.48 -2.21
CA LEU A 31 8.36 0.54 -1.28
C LEU A 31 7.09 1.13 -0.69
N LEU A 32 6.07 0.29 -0.55
CA LEU A 32 4.96 0.53 0.36
C LEU A 32 4.91 -0.64 1.33
N MET A 33 4.92 -0.34 2.63
CA MET A 33 4.97 -1.36 3.66
C MET A 33 3.90 -1.10 4.71
N SER A 34 3.37 -2.18 5.25
CA SER A 34 2.39 -2.15 6.33
C SER A 34 3.10 -2.06 7.67
N PRO A 35 2.40 -1.59 8.71
CA PRO A 35 3.01 -1.54 10.05
C PRO A 35 3.62 -2.84 10.50
N GLN A 36 3.04 -3.98 10.09
CA GLN A 36 3.56 -5.29 10.46
C GLN A 36 4.81 -5.66 9.67
N GLY A 37 5.00 -5.07 8.50
CA GLY A 37 6.13 -5.38 7.64
C GLY A 37 5.76 -6.00 6.31
N GLN A 38 4.48 -6.23 6.03
CA GLN A 38 4.10 -6.81 4.76
C GLN A 38 4.46 -5.87 3.62
N VAL A 39 5.18 -6.39 2.63
CA VAL A 39 5.49 -5.63 1.43
C VAL A 39 4.22 -5.54 0.60
N LEU A 40 3.62 -4.35 0.55
CA LEU A 40 2.42 -4.11 -0.22
C LEU A 40 2.72 -3.74 -1.67
N SER A 41 3.96 -3.37 -1.97
CA SER A 41 4.32 -2.68 -3.20
C SER A 41 5.82 -2.41 -3.18
N ALA A 42 6.53 -2.80 -4.24
CA ALA A 42 7.97 -2.59 -4.27
C ALA A 42 8.48 -2.81 -5.69
N HIS A 43 9.37 -1.92 -6.12
CA HIS A 43 10.06 -2.08 -7.39
C HIS A 43 11.29 -1.20 -7.41
N VAL A 44 12.26 -1.59 -8.23
CA VAL A 44 13.45 -0.81 -8.49
C VAL A 44 13.46 -0.45 -9.98
N SER A 45 13.72 0.83 -10.27
CA SER A 45 14.01 1.27 -11.61
C SER A 45 15.47 1.71 -11.64
N GLY A 46 16.29 1.03 -12.44
CA GLY A 46 17.70 1.30 -12.51
C GLY A 46 18.12 1.74 -13.90
N ARG A 47 19.40 2.12 -13.99
CA ARG A 47 19.99 2.47 -15.28
C ARG A 47 21.50 2.44 -15.16
N VAL A 48 22.15 1.71 -16.06
CA VAL A 48 23.61 1.72 -16.15
C VAL A 48 24.03 2.90 -17.00
N VAL A 49 24.86 3.77 -16.44
CA VAL A 49 25.42 4.91 -17.16
C VAL A 49 26.90 4.66 -17.37
N MET A 50 27.39 4.98 -18.56
CA MET A 50 28.76 4.69 -18.93
C MET A 50 29.41 5.93 -19.52
N LYS A 51 30.65 6.19 -19.09
CA LYS A 51 31.48 7.25 -19.65
C LYS A 51 32.67 6.58 -20.33
N SER A 52 32.66 6.59 -21.66
CA SER A 52 33.69 5.89 -22.44
C SER A 52 34.80 6.88 -22.79
N TYR A 53 35.98 6.65 -22.23
CA TYR A 53 37.18 7.37 -22.67
C TYR A 53 38.13 6.35 -23.28
N LEU A 54 37.68 5.68 -24.34
CA LEU A 54 38.42 4.63 -25.02
C LEU A 54 38.82 5.10 -26.40
N SER A 55 39.94 4.58 -26.90
CA SER A 55 40.46 4.95 -28.20
C SER A 55 39.91 4.02 -29.28
N GLY A 56 39.73 4.57 -30.47
CA GLY A 56 39.35 3.78 -31.63
C GLY A 56 37.89 3.37 -31.67
N MET A 57 37.64 2.15 -32.16
CA MET A 57 36.29 1.56 -32.25
C MET A 57 36.26 0.34 -31.35
N PRO A 58 36.17 0.52 -30.03
CA PRO A 58 36.25 -0.64 -29.12
C PRO A 58 34.98 -1.46 -29.12
N GLU A 59 35.15 -2.78 -29.16
CA GLU A 59 34.04 -3.73 -29.17
C GLU A 59 33.87 -4.23 -27.74
N CYS A 60 32.88 -3.67 -27.04
CA CYS A 60 32.68 -3.92 -25.62
C CYS A 60 31.64 -5.00 -25.38
N LYS A 61 31.60 -5.46 -24.12
CA LYS A 61 30.67 -6.51 -23.72
C LYS A 61 30.42 -6.36 -22.22
N PHE A 62 29.21 -5.98 -21.84
CA PHE A 62 28.88 -5.70 -20.45
C PHE A 62 28.32 -6.94 -19.79
N GLY A 63 28.90 -7.31 -18.65
CA GLY A 63 28.49 -8.50 -17.94
C GLY A 63 27.98 -8.24 -16.53
N MET A 64 26.75 -8.68 -16.25
CA MET A 64 26.13 -8.51 -14.95
C MET A 64 25.62 -9.86 -14.46
N ASN A 65 24.98 -9.86 -13.29
CA ASN A 65 24.54 -11.08 -12.62
C ASN A 65 23.06 -11.31 -12.90
N ASP A 66 22.78 -11.76 -14.14
CA ASP A 66 21.43 -11.77 -14.67
C ASP A 66 20.75 -13.12 -14.40
N LYS A 67 20.33 -13.81 -15.47
CA LYS A 67 19.95 -15.22 -15.41
C LYS A 67 20.97 -16.07 -16.15
N ILE A 68 22.17 -15.53 -16.34
CA ILE A 68 23.35 -16.35 -16.62
C ILE A 68 23.94 -16.90 -15.32
N VAL A 69 23.58 -16.29 -14.19
CA VAL A 69 23.95 -16.82 -12.88
C VAL A 69 23.30 -18.18 -12.65
N ILE A 70 22.12 -18.40 -13.24
CA ILE A 70 21.36 -19.62 -13.04
C ILE A 70 22.04 -20.80 -13.74
N GLU A 71 23.15 -20.54 -14.42
CA GLU A 71 23.87 -21.57 -15.15
C GLU A 71 25.06 -22.14 -14.39
N LYS A 72 25.59 -21.44 -13.38
CA LYS A 72 26.83 -21.84 -12.74
C LYS A 72 26.64 -22.21 -11.28
N GLN A 73 25.54 -22.89 -10.98
CA GLN A 73 25.27 -23.54 -9.68
C GLN A 73 23.84 -24.08 -9.67
N GLN A 87 23.60 -14.57 -5.54
CA GLN A 87 22.95 -13.28 -5.74
C GLN A 87 22.79 -13.00 -7.24
N SER A 88 21.69 -12.35 -7.60
CA SER A 88 21.41 -12.07 -9.00
C SER A 88 20.42 -10.92 -9.07
N ILE A 89 20.07 -10.53 -10.30
CA ILE A 89 19.04 -9.54 -10.55
C ILE A 89 18.04 -10.11 -11.54
N ALA A 90 16.77 -10.04 -11.20
CA ALA A 90 15.69 -10.48 -12.08
C ALA A 90 15.11 -9.25 -12.78
N ILE A 91 15.41 -9.11 -14.06
CA ILE A 91 15.02 -7.93 -14.82
C ILE A 91 13.67 -8.20 -15.47
N ASP A 92 12.63 -7.49 -15.01
CA ASP A 92 11.32 -7.62 -15.62
C ASP A 92 11.28 -7.00 -17.00
N ASP A 93 11.79 -5.78 -17.13
CA ASP A 93 11.79 -5.05 -18.39
C ASP A 93 13.14 -4.40 -18.58
N CYS A 94 13.61 -4.35 -19.82
CA CYS A 94 14.94 -3.85 -20.12
C CYS A 94 14.94 -3.11 -21.45
N THR A 95 15.58 -1.95 -21.46
CA THR A 95 15.71 -1.10 -22.64
C THR A 95 17.16 -0.67 -22.80
N PHE A 96 17.67 -0.75 -24.01
CA PHE A 96 19.09 -0.56 -24.28
C PHE A 96 19.33 0.69 -25.13
N HIS A 97 20.58 1.16 -25.09
CA HIS A 97 21.06 2.11 -26.08
C HIS A 97 21.10 1.43 -27.46
N GLN A 98 20.96 2.25 -28.50
CA GLN A 98 20.91 1.73 -29.86
C GLN A 98 22.19 0.96 -30.22
N CYS A 99 23.31 1.31 -29.58
CA CYS A 99 24.57 0.64 -29.90
C CYS A 99 24.57 -0.83 -29.51
N VAL A 100 23.62 -1.25 -28.68
CA VAL A 100 23.58 -2.62 -28.20
C VAL A 100 23.02 -3.53 -29.30
N ARG A 101 23.79 -4.56 -29.66
CA ARG A 101 23.28 -5.60 -30.55
C ARG A 101 22.19 -6.38 -29.83
N LEU A 102 20.94 -6.22 -30.30
CA LEU A 102 19.82 -6.90 -29.65
C LEU A 102 19.71 -8.35 -30.08
N SER A 103 20.08 -8.63 -31.34
CA SER A 103 20.17 -10.00 -31.84
C SER A 103 20.91 -10.89 -30.85
N LYS A 104 22.12 -10.48 -30.47
CA LYS A 104 22.93 -11.29 -29.56
C LYS A 104 22.30 -11.35 -28.17
N PHE A 105 21.69 -10.25 -27.72
CA PHE A 105 21.07 -10.26 -26.39
C PHE A 105 19.91 -11.24 -26.33
N ASP A 106 19.17 -11.41 -27.42
CA ASP A 106 18.05 -12.34 -27.40
C ASP A 106 18.51 -13.78 -27.53
N SER A 107 19.60 -14.03 -28.26
CA SER A 107 20.10 -15.39 -28.40
C SER A 107 20.91 -15.81 -27.18
N GLU A 108 21.81 -14.94 -26.71
CA GLU A 108 22.80 -15.33 -25.70
C GLU A 108 22.80 -14.45 -24.46
N ARG A 109 21.86 -13.50 -24.34
CA ARG A 109 21.79 -12.60 -23.18
C ARG A 109 23.01 -11.71 -23.08
N SER A 110 23.65 -11.43 -24.22
CA SER A 110 24.90 -10.68 -24.25
C SER A 110 24.63 -9.21 -24.56
N ILE A 111 25.25 -8.32 -23.79
CA ILE A 111 25.12 -6.88 -23.99
C ILE A 111 26.36 -6.35 -24.67
N SER A 112 26.52 -6.65 -25.97
CA SER A 112 27.67 -6.23 -26.75
C SER A 112 27.34 -4.97 -27.54
N PHE A 113 28.34 -4.11 -27.72
CA PHE A 113 28.11 -2.80 -28.30
C PHE A 113 29.45 -2.13 -28.59
N ILE A 114 29.39 -1.12 -29.45
CA ILE A 114 30.48 -0.16 -29.63
C ILE A 114 30.01 1.16 -29.02
N PRO A 115 30.63 1.62 -27.94
CA PRO A 115 30.01 2.69 -27.15
C PRO A 115 30.15 4.03 -27.84
N PRO A 116 29.24 4.97 -27.59
CA PRO A 116 29.49 6.36 -27.95
C PRO A 116 30.67 6.90 -27.17
N ASP A 117 31.26 7.98 -27.69
CA ASP A 117 32.25 8.70 -26.93
C ASP A 117 31.58 9.41 -25.75
N GLY A 118 32.26 9.42 -24.61
CA GLY A 118 31.77 10.13 -23.46
C GLY A 118 30.59 9.43 -22.77
N GLU A 119 29.77 10.25 -22.12
CA GLU A 119 28.68 9.76 -21.29
C GLU A 119 27.49 9.32 -22.14
N PHE A 120 26.97 8.12 -21.86
CA PHE A 120 25.74 7.65 -22.48
C PHE A 120 25.07 6.66 -21.51
N GLU A 121 23.75 6.56 -21.62
CA GLU A 121 22.98 5.61 -20.83
C GLU A 121 22.94 4.29 -21.59
N LEU A 122 23.60 3.27 -21.05
CA LEU A 122 23.69 2.00 -21.75
C LEU A 122 22.38 1.21 -21.65
N MET A 123 21.71 1.28 -20.51
CA MET A 123 20.46 0.55 -20.33
C MET A 123 19.72 1.09 -19.13
N ARG A 124 18.40 0.97 -19.17
CA ARG A 124 17.53 1.16 -18.02
C ARG A 124 16.71 -0.11 -17.81
N TYR A 125 16.21 -0.31 -16.59
CA TYR A 125 15.58 -1.58 -16.27
C TYR A 125 14.61 -1.40 -15.12
N ARG A 126 13.82 -2.46 -14.89
CA ARG A 126 12.82 -2.53 -13.82
C ARG A 126 12.97 -3.86 -13.10
N THR A 127 12.72 -3.85 -11.80
CA THR A 127 12.90 -5.03 -10.97
C THR A 127 11.87 -5.01 -9.85
N THR A 128 11.25 -6.17 -9.60
CA THR A 128 10.27 -6.31 -8.53
C THR A 128 10.55 -7.45 -7.56
N LYS A 129 11.36 -8.45 -7.95
CA LYS A 129 11.62 -9.61 -7.13
C LYS A 129 13.04 -9.56 -6.58
N ASP A 130 13.21 -10.15 -5.39
CA ASP A 130 14.51 -10.23 -4.71
C ASP A 130 15.12 -8.85 -4.49
N ILE A 131 14.29 -7.85 -4.21
CA ILE A 131 14.79 -6.51 -3.94
C ILE A 131 15.43 -6.49 -2.56
N ILE A 132 16.65 -5.94 -2.48
CA ILE A 132 17.27 -5.68 -1.19
C ILE A 132 16.69 -4.39 -0.63
N LEU A 133 15.66 -4.51 0.21
CA LEU A 133 15.07 -3.36 0.87
C LEU A 133 16.03 -2.85 1.93
N PRO A 134 16.72 -1.73 1.69
CA PRO A 134 17.82 -1.34 2.59
C PRO A 134 17.38 -1.01 4.00
N PHE A 135 16.11 -0.69 4.21
CA PHE A 135 15.64 -0.23 5.51
C PHE A 135 14.24 -0.76 5.79
N ARG A 136 13.98 -1.08 7.05
CA ARG A 136 12.64 -1.35 7.55
C ARG A 136 12.32 -0.33 8.63
N VAL A 137 11.12 0.24 8.56
CA VAL A 137 10.60 1.16 9.56
C VAL A 137 9.50 0.45 10.34
N ILE A 138 9.58 0.50 11.67
CA ILE A 138 8.57 -0.13 12.51
C ILE A 138 7.92 0.92 13.39
N PRO A 139 6.69 1.33 13.10
CA PRO A 139 6.04 2.38 13.89
C PRO A 139 5.02 1.86 14.89
N LEU A 140 5.03 2.42 16.09
CA LEU A 140 4.00 2.18 17.10
C LEU A 140 3.38 3.51 17.48
N VAL A 141 2.05 3.51 17.64
CA VAL A 141 1.32 4.72 18.05
C VAL A 141 0.25 4.30 19.04
N ARG A 142 0.49 4.58 20.33
CA ARG A 142 -0.43 4.23 21.39
C ARG A 142 -1.08 5.49 21.92
N GLU A 143 -2.41 5.57 21.82
CA GLU A 143 -3.15 6.69 22.34
C GLU A 143 -3.29 6.55 23.85
N VAL A 144 -2.98 7.62 24.57
CA VAL A 144 -3.00 7.59 26.03
C VAL A 144 -3.81 8.76 26.56
N GLY A 145 -5.14 8.59 26.59
CA GLY A 145 -6.05 9.69 26.80
C GLY A 145 -6.33 10.42 25.50
N ARG A 146 -7.21 11.41 25.58
CA ARG A 146 -7.37 12.34 24.48
C ARG A 146 -6.36 13.48 24.55
N THR A 147 -5.51 13.48 25.58
CA THR A 147 -4.52 14.52 25.76
C THR A 147 -3.25 14.23 24.97
N LYS A 148 -2.84 12.96 24.89
CA LYS A 148 -1.48 12.65 24.50
C LYS A 148 -1.46 11.49 23.52
N LEU A 149 -0.39 11.44 22.71
CA LEU A 149 -0.13 10.37 21.77
C LEU A 149 1.31 9.91 21.94
N GLU A 150 1.52 8.60 21.97
CA GLU A 150 2.85 8.02 22.17
C GLU A 150 3.32 7.40 20.86
N VAL A 151 4.47 7.86 20.37
CA VAL A 151 4.99 7.45 19.06
C VAL A 151 6.39 6.87 19.25
N LYS A 152 6.59 5.65 18.80
CA LYS A 152 7.88 4.97 18.82
C LYS A 152 8.16 4.43 17.43
N VAL A 153 9.26 4.89 16.81
CA VAL A 153 9.62 4.50 15.46
C VAL A 153 11.06 3.99 15.46
N VAL A 154 11.25 2.72 15.14
CA VAL A 154 12.56 2.11 14.99
C VAL A 154 12.84 1.95 13.50
N ILE A 155 14.11 2.09 13.11
CA ILE A 155 14.53 1.81 11.75
C ILE A 155 15.65 0.77 11.78
N LYS A 156 15.48 -0.30 11.02
CA LYS A 156 16.45 -1.38 10.88
C LYS A 156 17.14 -1.25 9.53
N SER A 157 18.47 -1.29 9.53
CA SER A 157 19.23 -1.30 8.29
C SER A 157 19.55 -2.73 7.90
N ASN A 158 19.33 -3.07 6.63
CA ASN A 158 19.46 -4.43 6.12
C ASN A 158 20.44 -4.43 4.95
N PHE A 159 21.72 -4.36 5.26
CA PHE A 159 22.78 -4.53 4.26
C PHE A 159 24.08 -4.83 4.98
N LYS A 160 25.14 -5.01 4.19
CA LYS A 160 26.41 -5.45 4.75
C LYS A 160 26.91 -4.47 5.81
N PRO A 161 27.36 -4.96 6.97
CA PRO A 161 27.80 -4.04 8.03
C PRO A 161 28.94 -3.13 7.62
N SER A 162 29.77 -3.53 6.65
CA SER A 162 30.85 -2.65 6.21
C SER A 162 30.33 -1.43 5.47
N LEU A 163 29.07 -1.44 5.05
CA LEU A 163 28.51 -0.43 4.16
C LEU A 163 27.72 0.60 4.97
N LEU A 164 27.67 1.82 4.44
CA LEU A 164 27.05 2.96 5.11
C LEU A 164 25.96 3.56 4.22
N ALA A 165 24.73 3.57 4.72
CA ALA A 165 23.73 4.46 4.16
C ALA A 165 24.01 5.89 4.61
N GLN A 166 23.61 6.86 3.78
CA GLN A 166 23.88 8.26 4.06
C GLN A 166 22.68 9.12 3.68
N LYS A 167 22.74 10.38 4.12
CA LYS A 167 21.72 11.38 3.82
C LYS A 167 20.33 10.85 4.15
N ILE A 168 20.19 10.34 5.37
CA ILE A 168 18.97 9.67 5.81
C ILE A 168 18.02 10.69 6.42
N GLU A 169 16.74 10.59 6.07
CA GLU A 169 15.72 11.47 6.61
C GLU A 169 14.42 10.70 6.74
N VAL A 170 13.86 10.68 7.95
CA VAL A 170 12.60 10.00 8.24
C VAL A 170 11.56 11.07 8.55
N ARG A 171 10.47 11.07 7.80
CA ARG A 171 9.37 12.03 7.97
C ARG A 171 8.21 11.29 8.62
N ILE A 172 8.04 11.48 9.93
CA ILE A 172 6.96 10.87 10.69
C ILE A 172 5.83 11.89 10.79
N PRO A 173 4.68 11.64 10.18
CA PRO A 173 3.60 12.63 10.19
C PRO A 173 2.98 12.80 11.57
N THR A 174 2.51 14.02 11.84
CA THR A 174 1.84 14.37 13.07
C THR A 174 0.39 14.76 12.79
N PRO A 175 -0.52 14.50 13.72
CA PRO A 175 -1.92 14.87 13.50
C PRO A 175 -2.11 16.37 13.55
N LEU A 176 -3.19 16.82 12.89
CA LEU A 176 -3.43 18.26 12.78
C LEU A 176 -3.65 18.90 14.15
N ASN A 177 -4.32 18.19 15.05
CA ASN A 177 -4.66 18.75 16.37
C ASN A 177 -3.53 18.45 17.36
N THR A 178 -2.41 19.16 17.14
CA THR A 178 -1.23 19.04 17.99
C THR A 178 -0.86 20.41 18.53
N SER A 179 -0.82 20.53 19.86
CA SER A 179 -0.41 21.77 20.49
C SER A 179 1.10 21.89 20.61
N GLY A 180 1.82 20.79 20.47
CA GLY A 180 3.26 20.76 20.65
C GLY A 180 3.72 19.35 20.94
N VAL A 181 5.00 19.12 20.67
CA VAL A 181 5.56 17.77 20.85
C VAL A 181 6.99 17.88 21.36
N GLN A 182 7.35 16.96 22.25
CA GLN A 182 8.73 16.71 22.65
C GLN A 182 9.18 15.39 22.06
N VAL A 183 10.40 15.37 21.51
CA VAL A 183 10.93 14.20 20.84
C VAL A 183 12.34 13.92 21.35
N ILE A 184 12.77 12.67 21.23
CA ILE A 184 14.10 12.27 21.69
C ILE A 184 14.63 11.16 20.80
N CYS A 185 15.92 11.26 20.46
CA CYS A 185 16.63 10.21 19.75
C CYS A 185 18.09 10.24 20.21
N MET A 186 18.74 9.09 20.13
CA MET A 186 20.16 9.05 20.47
C MET A 186 21.05 9.21 19.24
N LYS A 187 20.67 8.57 18.14
CA LYS A 187 21.37 8.72 16.87
C LYS A 187 20.66 9.78 16.04
N GLY A 188 21.43 10.75 15.55
CA GLY A 188 20.88 11.78 14.68
C GLY A 188 20.27 12.95 15.44
N LYS A 189 19.57 13.79 14.68
CA LYS A 189 18.90 14.97 15.18
C LYS A 189 17.48 15.02 14.64
N ALA A 190 16.58 15.64 15.40
CA ALA A 190 15.17 15.63 15.06
C ALA A 190 14.48 16.90 15.53
N LYS A 191 13.65 17.46 14.66
CA LYS A 191 12.86 18.65 14.95
C LYS A 191 11.41 18.42 14.55
N TYR A 192 10.47 18.85 15.40
CA TYR A 192 9.08 18.91 15.00
C TYR A 192 8.85 20.19 14.22
N LYS A 193 8.56 20.07 12.93
CA LYS A 193 8.29 21.21 12.08
C LYS A 193 6.77 21.34 11.96
N ALA A 194 6.20 22.24 12.76
CA ALA A 194 4.74 22.37 12.84
C ALA A 194 4.15 22.79 11.51
N SER A 195 4.85 23.65 10.78
CA SER A 195 4.39 24.05 9.45
C SER A 195 4.17 22.85 8.55
N GLU A 196 5.02 21.83 8.70
CA GLU A 196 4.99 20.66 7.84
C GLU A 196 4.00 19.60 8.29
N ASN A 197 3.61 19.60 9.56
CA ASN A 197 2.83 18.54 10.18
C ASN A 197 3.61 17.23 10.17
N ALA A 198 4.83 17.26 10.72
CA ALA A 198 5.68 16.08 10.79
C ALA A 198 6.90 16.40 11.63
N ILE A 199 7.36 15.42 12.39
CA ILE A 199 8.69 15.47 12.99
C ILE A 199 9.67 14.89 11.97
N VAL A 200 10.78 15.58 11.75
CA VAL A 200 11.71 15.25 10.69
C VAL A 200 13.03 14.84 11.33
N TRP A 201 13.46 13.61 11.04
CA TRP A 201 14.58 12.97 11.71
C TRP A 201 15.69 12.74 10.71
N LYS A 202 16.88 13.27 10.99
CA LYS A 202 18.01 13.23 10.06
C LYS A 202 19.18 12.51 10.71
N ILE A 203 19.75 11.55 9.98
CA ILE A 203 20.94 10.82 10.41
C ILE A 203 21.97 10.91 9.29
N LYS A 204 23.21 11.25 9.66
CA LYS A 204 24.24 11.47 8.65
C LYS A 204 24.68 10.17 7.99
N ARG A 205 24.97 9.14 8.79
CA ARG A 205 25.39 7.86 8.27
C ARG A 205 24.87 6.75 9.17
N MET A 206 24.88 5.53 8.65
CA MET A 206 24.37 4.38 9.39
C MET A 206 24.78 3.08 8.69
N ALA A 207 25.45 2.19 9.42
CA ALA A 207 25.96 0.96 8.83
C ALA A 207 24.87 -0.10 8.79
N GLY A 208 25.19 -1.22 8.14
CA GLY A 208 24.22 -2.28 7.99
C GLY A 208 24.04 -3.09 9.26
N MET A 209 22.84 -3.66 9.40
CA MET A 209 22.48 -4.53 10.53
C MET A 209 22.45 -3.74 11.84
N LYS A 210 21.91 -2.53 11.81
CA LYS A 210 21.86 -1.65 12.96
C LYS A 210 20.41 -1.27 13.29
N GLU A 211 20.20 -0.86 14.54
CA GLU A 211 18.96 -0.26 15.00
C GLU A 211 19.15 1.23 15.26
N SER A 212 18.02 1.91 15.42
CA SER A 212 17.98 3.28 15.94
C SER A 212 16.53 3.65 16.20
N GLN A 213 16.29 4.29 17.34
CA GLN A 213 14.94 4.56 17.82
C GLN A 213 14.68 6.06 17.90
N ILE A 214 13.42 6.43 17.79
CA ILE A 214 12.97 7.79 18.05
C ILE A 214 11.65 7.71 18.80
N SER A 215 11.53 8.48 19.87
CA SER A 215 10.34 8.51 20.70
C SER A 215 9.79 9.93 20.72
N ALA A 216 8.49 10.07 20.50
CA ALA A 216 7.83 11.38 20.47
C ALA A 216 6.57 11.32 21.31
N GLU A 217 6.58 12.04 22.43
CA GLU A 217 5.35 12.33 23.15
C GLU A 217 4.65 13.49 22.44
N ILE A 218 3.44 13.25 21.95
CA ILE A 218 2.72 14.18 21.10
C ILE A 218 1.45 14.61 21.83
N GLU A 219 1.42 15.88 22.24
CA GLU A 219 0.29 16.42 22.99
C GLU A 219 -0.79 16.93 22.04
N LEU A 220 -2.03 16.55 22.31
CA LEU A 220 -3.15 16.85 21.44
C LEU A 220 -4.00 17.99 22.01
N LEU A 221 -4.70 18.67 21.11
CA LEU A 221 -5.68 19.70 21.47
C LEU A 221 -6.99 19.25 20.82
N PRO A 222 -7.82 18.49 21.53
CA PRO A 222 -9.03 17.92 20.90
C PRO A 222 -10.18 18.91 20.81
N THR A 223 -10.30 19.58 19.67
CA THR A 223 -11.48 20.40 19.40
C THR A 223 -12.54 19.60 18.65
N ASN A 224 -12.17 18.98 17.53
CA ASN A 224 -13.08 18.08 16.85
C ASN A 224 -13.19 16.76 17.60
N ASP A 225 -14.32 16.08 17.42
CA ASP A 225 -14.58 14.81 18.07
C ASP A 225 -15.30 13.91 17.08
N LYS A 226 -15.21 12.60 17.33
CA LYS A 226 -15.90 11.51 16.63
C LYS A 226 -15.30 11.21 15.26
N LYS A 227 -14.34 11.99 14.77
CA LYS A 227 -13.79 11.79 13.42
C LYS A 227 -12.27 11.68 13.52
N LYS A 228 -11.73 10.56 13.05
CA LYS A 228 -10.30 10.34 12.91
C LYS A 228 -9.99 10.16 11.44
N TRP A 229 -9.39 11.17 10.82
CA TRP A 229 -9.16 11.17 9.39
C TRP A 229 -7.83 10.50 9.05
N ALA A 230 -7.69 10.13 7.77
CA ALA A 230 -6.48 9.52 7.29
C ALA A 230 -5.33 10.51 7.33
N ARG A 231 -4.13 9.98 7.58
CA ARG A 231 -2.90 10.75 7.67
C ARG A 231 -1.88 10.19 6.71
N PRO A 232 -0.90 10.99 6.31
CA PRO A 232 0.14 10.49 5.40
C PRO A 232 0.99 9.43 6.05
N PRO A 233 1.68 8.60 5.27
CA PRO A 233 2.55 7.58 5.84
C PRO A 233 3.96 8.10 6.12
N ILE A 234 4.69 7.33 6.91
CA ILE A 234 6.08 7.65 7.20
C ILE A 234 6.91 7.42 5.93
N SER A 235 7.55 8.48 5.45
CA SER A 235 8.39 8.42 4.26
C SER A 235 9.85 8.58 4.66
N MET A 236 10.72 7.88 3.96
CA MET A 236 12.15 7.90 4.25
C MET A 236 12.94 8.23 2.99
N ASN A 237 13.98 9.04 3.15
CA ASN A 237 14.98 9.27 2.13
C ASN A 237 16.31 8.72 2.60
N PHE A 238 17.08 8.16 1.66
CA PHE A 238 18.39 7.63 2.00
C PHE A 238 19.20 7.43 0.72
N GLU A 239 20.52 7.38 0.88
CA GLU A 239 21.43 7.04 -0.19
C GLU A 239 22.31 5.88 0.25
N VAL A 240 22.50 4.93 -0.65
CA VAL A 240 23.12 3.65 -0.29
C VAL A 240 24.14 3.28 -1.35
N PRO A 241 25.31 2.77 -0.98
CA PRO A 241 26.37 2.55 -1.98
C PRO A 241 26.32 1.17 -2.61
N PHE A 242 25.12 0.69 -2.95
CA PHE A 242 24.97 -0.57 -3.64
C PHE A 242 23.67 -0.54 -4.43
N ALA A 243 23.43 -1.59 -5.21
CA ALA A 243 22.24 -1.68 -6.03
C ALA A 243 21.17 -2.46 -5.30
N PRO A 244 20.08 -1.83 -4.83
CA PRO A 244 19.04 -2.59 -4.12
C PRO A 244 18.43 -3.70 -4.96
N SER A 245 18.48 -3.58 -6.30
CA SER A 245 18.02 -4.68 -7.15
C SER A 245 18.90 -5.91 -7.02
N GLY A 246 20.12 -5.75 -6.52
CA GLY A 246 21.09 -6.82 -6.51
C GLY A 246 22.05 -6.80 -7.69
N LEU A 247 21.98 -5.77 -8.54
CA LEU A 247 22.87 -5.68 -9.69
C LEU A 247 24.32 -5.56 -9.25
N LYS A 248 25.14 -6.49 -9.73
CA LYS A 248 26.59 -6.42 -9.57
C LYS A 248 27.23 -6.51 -10.94
N VAL A 249 28.19 -5.62 -11.20
CA VAL A 249 28.91 -5.61 -12.46
C VAL A 249 29.93 -6.74 -12.45
N ARG A 250 29.74 -7.73 -13.32
CA ARG A 250 30.68 -8.83 -13.37
C ARG A 250 31.91 -8.48 -14.21
N TYR A 251 31.71 -7.81 -15.34
CA TYR A 251 32.84 -7.40 -16.17
C TYR A 251 32.38 -6.42 -17.24
N LEU A 252 33.36 -5.73 -17.83
CA LEU A 252 33.19 -4.92 -19.03
C LEU A 252 34.36 -5.29 -19.95
N LYS A 253 34.18 -6.35 -20.73
CA LYS A 253 35.22 -6.77 -21.65
C LYS A 253 35.34 -5.78 -22.82
N VAL A 254 36.55 -5.62 -23.33
CA VAL A 254 36.84 -4.69 -24.40
C VAL A 254 37.80 -5.35 -25.39
N PHE A 255 37.62 -5.10 -26.68
CA PHE A 255 38.55 -5.56 -27.70
C PHE A 255 38.52 -4.59 -28.86
N GLU A 256 39.67 -3.98 -29.16
CA GLU A 256 39.82 -3.05 -30.27
C GLU A 256 40.88 -3.62 -31.20
N PRO A 257 40.48 -4.23 -32.33
CA PRO A 257 41.45 -5.01 -33.13
C PRO A 257 42.37 -4.18 -34.01
N LYS A 258 42.00 -2.94 -34.34
CA LYS A 258 42.93 -2.08 -35.07
C LYS A 258 44.12 -1.69 -34.20
N LEU A 259 43.84 -1.20 -32.99
CA LEU A 259 44.87 -0.76 -32.06
C LEU A 259 45.41 -1.88 -31.19
N ASN A 260 44.86 -3.09 -31.32
CA ASN A 260 45.18 -4.24 -30.49
C ASN A 260 45.33 -3.87 -29.01
N TYR A 261 44.21 -3.52 -28.36
CA TYR A 261 44.17 -3.38 -26.92
C TYR A 261 42.86 -3.96 -26.42
N SER A 262 42.88 -4.46 -25.18
CA SER A 262 41.71 -5.11 -24.61
C SER A 262 41.43 -4.57 -23.21
N ASP A 263 40.46 -5.18 -22.51
CA ASP A 263 40.13 -4.73 -21.16
C ASP A 263 41.31 -4.87 -20.22
N HIS A 264 42.24 -5.78 -20.51
CA HIS A 264 43.46 -5.91 -19.72
C HIS A 264 44.31 -4.64 -19.77
N ASP A 265 44.12 -3.80 -20.79
CA ASP A 265 44.87 -2.57 -20.96
C ASP A 265 44.04 -1.34 -20.60
N VAL A 266 42.99 -1.52 -19.81
CA VAL A 266 41.99 -0.48 -19.56
C VAL A 266 41.74 -0.37 -18.06
N ILE A 267 41.48 0.84 -17.59
CA ILE A 267 41.07 1.09 -16.21
C ILE A 267 39.55 1.23 -16.19
N LYS A 268 38.90 0.41 -15.37
CA LYS A 268 37.45 0.42 -15.21
C LYS A 268 37.11 0.99 -13.84
N TRP A 269 36.31 2.06 -13.82
CA TRP A 269 35.88 2.69 -12.58
C TRP A 269 34.39 2.42 -12.40
N VAL A 270 34.03 1.73 -11.31
CA VAL A 270 32.66 1.30 -11.06
C VAL A 270 32.14 2.00 -9.81
N ARG A 271 30.88 2.44 -9.86
CA ARG A 271 30.22 3.07 -8.74
C ARG A 271 28.75 2.66 -8.71
N TYR A 272 28.22 2.44 -7.51
CA TYR A 272 26.81 2.14 -7.29
C TYR A 272 26.19 3.23 -6.43
N ILE A 273 25.09 3.81 -6.90
CA ILE A 273 24.34 4.81 -6.14
C ILE A 273 22.89 4.36 -6.08
N GLY A 274 22.52 3.69 -4.99
CA GLY A 274 21.13 3.37 -4.74
C GLY A 274 20.50 4.49 -3.93
N ARG A 275 19.35 4.96 -4.39
CA ARG A 275 18.66 6.09 -3.77
C ARG A 275 17.21 5.74 -3.53
N SER A 276 16.68 6.18 -2.39
CA SER A 276 15.28 5.98 -2.09
C SER A 276 14.41 6.68 -3.12
N GLY A 277 13.29 6.05 -3.45
CA GLY A 277 12.30 6.70 -4.28
C GLY A 277 11.10 7.10 -3.44
N ILE A 278 9.98 6.41 -3.65
CA ILE A 278 8.84 6.49 -2.75
C ILE A 278 8.95 5.29 -1.80
N TYR A 279 9.56 5.53 -0.65
CA TYR A 279 9.82 4.52 0.37
C TYR A 279 8.91 4.84 1.55
N GLU A 280 7.69 4.32 1.51
CA GLU A 280 6.65 4.73 2.44
C GLU A 280 6.18 3.56 3.30
N THR A 281 6.02 3.83 4.60
CA THR A 281 5.54 2.87 5.57
C THR A 281 4.37 3.48 6.34
N ARG A 282 3.34 2.68 6.60
CA ARG A 282 2.14 3.16 7.25
C ARG A 282 2.14 2.81 8.74
N CYS A 283 1.36 3.58 9.50
CA CYS A 283 1.26 3.38 10.94
C CYS A 283 -0.02 2.61 11.29
N ASP A 325 33.38 15.62 -26.49
CA ASP A 325 34.74 15.86 -26.01
C ASP A 325 35.50 16.79 -26.95
N VAL A 326 36.55 17.42 -26.43
CA VAL A 326 37.36 18.36 -27.19
C VAL A 326 38.72 17.72 -27.47
N ASP A 327 39.47 18.32 -28.39
CA ASP A 327 40.79 17.84 -28.80
C ASP A 327 41.87 18.87 -28.44
N GLU A 328 43.07 18.67 -28.99
CA GLU A 328 44.25 19.42 -28.57
C GLU A 328 45.43 19.14 -29.49
N GLU A 329 45.74 17.85 -29.65
CA GLU A 329 46.86 17.36 -30.43
C GLU A 329 46.42 16.06 -31.10
N GLY A 330 45.12 15.91 -31.28
CA GLY A 330 44.46 14.67 -31.63
C GLY A 330 43.72 14.03 -30.46
N TYR A 331 44.17 14.30 -29.24
CA TYR A 331 43.73 13.54 -28.07
C TYR A 331 42.50 14.14 -27.43
N SER A 332 41.50 13.30 -27.19
CA SER A 332 40.28 13.74 -26.55
C SER A 332 40.52 14.00 -25.07
N ILE A 333 39.70 14.87 -24.48
CA ILE A 333 39.89 15.36 -23.12
C ILE A 333 38.69 14.97 -22.27
N LYS A 334 38.96 14.40 -21.10
CA LYS A 334 37.89 14.03 -20.19
C LYS A 334 37.28 15.28 -19.57
N PRO A 335 35.96 15.31 -19.37
CA PRO A 335 35.29 16.55 -18.96
C PRO A 335 35.85 17.19 -17.70
N GLU A 336 35.98 16.43 -16.60
CA GLU A 336 36.47 17.00 -15.35
C GLU A 336 36.98 15.92 -14.39
N ASN A 340 32.41 19.09 -6.46
CA ASN A 340 31.06 18.84 -5.95
C ASN A 340 30.91 17.38 -5.52
N ASP A 341 31.88 16.56 -5.88
CA ASP A 341 31.87 15.14 -5.59
C ASP A 341 32.93 14.81 -4.53
N THR A 342 32.69 13.73 -3.80
CA THR A 342 33.64 13.30 -2.77
C THR A 342 35.01 13.04 -3.38
N LYS A 343 36.05 13.55 -2.73
CA LYS A 343 37.41 13.50 -3.26
C LYS A 343 38.15 12.31 -2.68
N GLU A 344 38.73 11.49 -3.56
CA GLU A 344 39.55 10.35 -3.18
C GLU A 344 40.79 10.34 -4.04
N ASN A 345 41.94 10.09 -3.42
CA ASN A 345 43.21 10.12 -4.12
C ASN A 345 43.50 8.75 -4.70
N HIS A 346 43.45 8.66 -6.03
CA HIS A 346 43.80 7.43 -6.74
C HIS A 346 45.10 7.64 -7.50
N PHE A 347 45.79 6.54 -7.76
CA PHE A 347 47.10 6.61 -8.42
C PHE A 347 46.97 7.06 -9.87
N TYR A 348 45.87 6.73 -10.53
CA TYR A 348 45.69 6.99 -11.95
C TYR A 348 44.65 8.08 -12.24
N SER A 349 44.05 8.67 -11.21
CA SER A 349 42.98 9.65 -11.38
C SER A 349 43.37 10.80 -12.30
N PRO B 1 -32.74 -42.86 36.96
CA PRO B 1 -32.07 -41.71 37.57
C PRO B 1 -31.68 -40.66 36.52
N GLY B 2 -32.52 -39.65 36.35
CA GLY B 2 -32.44 -38.74 35.22
C GLY B 2 -31.70 -37.44 35.51
N ILE B 3 -30.92 -37.01 34.53
CA ILE B 3 -30.04 -35.84 34.65
C ILE B 3 -30.74 -34.62 34.06
N HIS B 4 -30.61 -33.49 34.75
CA HIS B 4 -31.24 -32.23 34.35
C HIS B 4 -30.17 -31.32 33.74
N MET B 5 -30.28 -31.09 32.43
CA MET B 5 -29.32 -30.27 31.69
C MET B 5 -29.76 -28.82 31.72
N GLN B 6 -29.08 -28.01 32.53
CA GLN B 6 -29.32 -26.58 32.60
C GLN B 6 -28.28 -25.85 31.76
N ILE B 7 -28.75 -25.17 30.72
CA ILE B 7 -27.89 -24.30 29.92
C ILE B 7 -27.72 -22.98 30.64
N GLY B 8 -26.47 -22.49 30.69
CA GLY B 8 -26.16 -21.30 31.46
C GLY B 8 -26.60 -19.99 30.83
N TRP B 9 -26.89 -19.99 29.53
CA TRP B 9 -27.26 -18.77 28.82
C TRP B 9 -28.73 -18.71 28.46
N ARG B 10 -29.51 -19.74 28.74
CA ARG B 10 -30.94 -19.75 28.44
C ARG B 10 -31.69 -20.39 29.59
N ARG B 11 -32.50 -19.59 30.29
CA ARG B 11 -33.37 -20.14 31.32
C ARG B 11 -34.55 -20.86 30.68
N GLU B 12 -35.15 -21.77 31.45
CA GLU B 12 -36.29 -22.52 30.98
C GLU B 12 -37.59 -21.75 31.21
N GLY B 13 -38.60 -22.08 30.41
CA GLY B 13 -39.92 -21.50 30.55
C GLY B 13 -40.14 -20.19 29.82
N ILE B 14 -39.27 -19.83 28.88
CA ILE B 14 -39.45 -18.59 28.14
C ILE B 14 -40.63 -18.74 27.18
N LYS B 15 -41.64 -17.88 27.35
CA LYS B 15 -42.80 -17.85 26.48
C LYS B 15 -42.83 -16.52 25.73
N TYR B 16 -42.94 -16.60 24.40
CA TYR B 16 -43.15 -15.43 23.57
C TYR B 16 -44.49 -15.59 22.85
N ARG B 17 -45.25 -14.49 22.78
CA ARG B 17 -46.56 -14.56 22.14
C ARG B 17 -46.44 -14.89 20.66
N ARG B 18 -45.36 -14.46 20.02
CA ARG B 18 -45.06 -14.84 18.64
C ARG B 18 -43.60 -15.30 18.56
N ASN B 19 -43.38 -16.46 17.95
CA ASN B 19 -42.04 -17.00 17.78
C ASN B 19 -41.39 -16.31 16.58
N GLU B 20 -40.39 -15.47 16.83
CA GLU B 20 -39.69 -14.81 15.74
C GLU B 20 -38.26 -14.52 16.15
N LEU B 21 -37.43 -14.22 15.14
CA LEU B 21 -36.01 -14.05 15.34
C LEU B 21 -35.49 -13.02 14.36
N PHE B 22 -34.33 -12.45 14.69
CA PHE B 22 -33.68 -11.45 13.86
C PHE B 22 -32.27 -11.91 13.50
N LEU B 23 -31.83 -11.57 12.30
CA LEU B 23 -30.46 -11.79 11.87
C LEU B 23 -29.92 -10.49 11.28
N ASP B 24 -28.84 -9.98 11.86
CA ASP B 24 -28.12 -8.83 11.33
C ASP B 24 -26.74 -9.30 10.89
N VAL B 25 -26.46 -9.20 9.60
CA VAL B 25 -25.14 -9.51 9.05
C VAL B 25 -24.40 -8.19 8.89
N LEU B 26 -23.45 -7.94 9.79
CA LEU B 26 -22.78 -6.65 9.90
C LEU B 26 -21.32 -6.82 9.49
N GLU B 27 -20.94 -6.23 8.36
CA GLU B 27 -19.61 -6.40 7.80
C GLU B 27 -18.95 -5.03 7.59
N SER B 28 -17.65 -4.98 7.83
CA SER B 28 -16.81 -3.85 7.47
C SER B 28 -15.83 -4.30 6.40
N VAL B 29 -15.83 -3.62 5.26
CA VAL B 29 -14.93 -3.94 4.15
C VAL B 29 -13.79 -2.93 4.15
N ASN B 30 -12.56 -3.44 4.14
CA ASN B 30 -11.36 -2.60 4.18
C ASN B 30 -10.58 -2.80 2.89
N LEU B 31 -10.04 -1.70 2.36
CA LEU B 31 -9.40 -1.71 1.05
C LEU B 31 -8.26 -0.71 1.03
N LEU B 32 -7.14 -1.14 0.43
CA LEU B 32 -6.05 -0.24 0.06
C LEU B 32 -5.80 -0.44 -1.43
N MET B 33 -6.13 0.56 -2.23
CA MET B 33 -6.11 0.45 -3.69
C MET B 33 -5.13 1.47 -4.27
N SER B 34 -4.40 1.03 -5.30
CA SER B 34 -3.46 1.88 -6.01
C SER B 34 -4.20 2.78 -6.98
N PRO B 35 -3.54 3.84 -7.50
CA PRO B 35 -4.22 4.71 -8.47
C PRO B 35 -4.64 3.99 -9.74
N GLN B 36 -3.88 2.99 -10.17
CA GLN B 36 -4.21 2.23 -11.37
C GLN B 36 -5.23 1.12 -11.14
N GLY B 37 -5.68 0.93 -9.90
CA GLY B 37 -6.75 0.02 -9.61
C GLY B 37 -6.35 -1.33 -9.05
N GLN B 38 -5.10 -1.51 -8.65
CA GLN B 38 -4.64 -2.79 -8.14
C GLN B 38 -4.86 -2.88 -6.63
N VAL B 39 -5.31 -4.05 -6.18
CA VAL B 39 -5.64 -4.25 -4.77
C VAL B 39 -4.35 -4.54 -4.02
N LEU B 40 -3.93 -3.60 -3.16
CA LEU B 40 -2.75 -3.78 -2.33
C LEU B 40 -3.08 -4.50 -1.03
N SER B 41 -4.34 -4.46 -0.61
CA SER B 41 -4.77 -4.88 0.72
C SER B 41 -6.29 -4.86 0.75
N ALA B 42 -6.88 -5.89 1.35
CA ALA B 42 -8.33 -5.94 1.46
C ALA B 42 -8.73 -7.09 2.36
N HIS B 43 -9.72 -6.83 3.23
CA HIS B 43 -10.32 -7.88 4.05
C HIS B 43 -11.67 -7.40 4.54
N VAL B 44 -12.56 -8.36 4.81
CA VAL B 44 -13.83 -8.10 5.47
C VAL B 44 -13.77 -8.72 6.86
N SER B 45 -14.20 -7.96 7.85
CA SER B 45 -14.41 -8.47 9.21
C SER B 45 -15.90 -8.35 9.50
N GLY B 46 -16.58 -9.49 9.57
CA GLY B 46 -18.02 -9.52 9.75
C GLY B 46 -18.42 -10.20 11.05
N ARG B 47 -19.72 -10.15 11.32
CA ARG B 47 -20.29 -10.80 12.50
C ARG B 47 -21.79 -10.89 12.32
N VAL B 48 -22.36 -12.01 12.76
CA VAL B 48 -23.80 -12.25 12.69
C VAL B 48 -24.38 -12.01 14.08
N VAL B 49 -25.32 -11.08 14.17
CA VAL B 49 -26.01 -10.78 15.42
C VAL B 49 -27.42 -11.34 15.32
N MET B 50 -27.77 -12.19 16.27
CA MET B 50 -29.11 -12.77 16.36
C MET B 50 -29.87 -12.13 17.51
N LYS B 51 -31.17 -11.97 17.32
CA LYS B 51 -32.11 -11.64 18.38
C LYS B 51 -33.16 -12.75 18.42
N SER B 52 -33.08 -13.60 19.43
CA SER B 52 -33.94 -14.78 19.53
C SER B 52 -35.13 -14.42 20.42
N TYR B 53 -36.28 -14.20 19.80
CA TYR B 53 -37.52 -14.08 20.54
C TYR B 53 -38.34 -15.34 20.31
N LEU B 54 -37.68 -16.50 20.45
CA LEU B 54 -38.29 -17.80 20.32
C LEU B 54 -38.73 -18.30 21.70
N SER B 55 -39.46 -19.41 21.71
CA SER B 55 -40.03 -19.96 22.93
C SER B 55 -39.45 -21.33 23.23
N GLY B 56 -39.22 -21.59 24.52
CA GLY B 56 -38.83 -22.92 24.95
C GLY B 56 -37.33 -23.14 24.82
N MET B 57 -36.96 -24.28 24.24
CA MET B 57 -35.56 -24.67 24.07
C MET B 57 -35.31 -24.97 22.60
N PRO B 58 -35.28 -23.95 21.75
CA PRO B 58 -35.24 -24.19 20.30
C PRO B 58 -33.88 -24.70 19.86
N GLU B 59 -33.91 -25.73 19.04
CA GLU B 59 -32.71 -26.38 18.53
C GLU B 59 -32.44 -25.84 17.13
N CYS B 60 -31.66 -24.76 17.07
CA CYS B 60 -31.48 -24.00 15.83
C CYS B 60 -30.29 -24.51 15.02
N LYS B 61 -30.26 -24.11 13.76
CA LYS B 61 -29.20 -24.50 12.84
C LYS B 61 -29.12 -23.44 11.74
N PHE B 62 -27.96 -22.82 11.59
CA PHE B 62 -27.81 -21.61 10.78
C PHE B 62 -27.02 -21.94 9.52
N GLY B 63 -27.60 -21.60 8.36
CA GLY B 63 -26.98 -21.95 7.10
C GLY B 63 -26.50 -20.78 6.27
N MET B 64 -25.21 -20.78 5.93
CA MET B 64 -24.64 -19.81 5.01
C MET B 64 -24.30 -20.49 3.68
N ASN B 65 -23.76 -19.68 2.79
CA ASN B 65 -23.12 -20.14 1.56
C ASN B 65 -21.63 -20.37 1.79
N ASP B 66 -21.32 -21.27 2.74
CA ASP B 66 -19.93 -21.58 3.04
C ASP B 66 -19.36 -22.46 1.94
N LYS B 67 -18.04 -22.40 1.79
CA LYS B 67 -17.31 -23.12 0.75
C LYS B 67 -17.89 -22.84 -0.64
N ILE B 89 -18.81 -18.28 -0.91
CA ILE B 89 -17.76 -17.53 -0.23
C ILE B 89 -16.85 -18.47 0.54
N ALA B 90 -15.70 -17.95 0.97
CA ALA B 90 -14.70 -18.73 1.69
C ALA B 90 -14.29 -17.98 2.95
N ILE B 91 -14.63 -18.53 4.11
CA ILE B 91 -14.28 -17.93 5.39
C ILE B 91 -12.85 -18.30 5.75
N ASP B 92 -12.10 -17.32 6.26
CA ASP B 92 -10.70 -17.56 6.66
C ASP B 92 -10.64 -17.99 8.13
N ASP B 93 -11.01 -17.10 9.04
CA ASP B 93 -11.01 -17.39 10.47
C ASP B 93 -12.41 -17.18 11.02
N CYS B 94 -12.81 -18.06 11.94
CA CYS B 94 -14.18 -18.09 12.44
C CYS B 94 -14.19 -18.32 13.95
N THR B 95 -15.04 -17.55 14.65
CA THR B 95 -15.18 -17.66 16.10
C THR B 95 -16.66 -17.58 16.45
N PHE B 96 -17.10 -18.45 17.35
CA PHE B 96 -18.51 -18.64 17.65
C PHE B 96 -18.84 -18.26 19.09
N HIS B 97 -20.15 -18.16 19.34
CA HIS B 97 -20.69 -18.16 20.69
C HIS B 97 -20.59 -19.57 21.26
N GLN B 98 -20.48 -19.65 22.60
CA GLN B 98 -20.35 -20.96 23.24
C GLN B 98 -21.49 -21.89 22.86
N CYS B 99 -22.69 -21.34 22.63
CA CYS B 99 -23.88 -22.14 22.37
C CYS B 99 -23.74 -23.00 21.12
N VAL B 100 -22.78 -22.68 20.25
CA VAL B 100 -22.57 -23.45 19.02
C VAL B 100 -21.82 -24.72 19.34
N ARG B 101 -22.30 -25.82 18.82
CA ARG B 101 -21.53 -27.04 18.88
C ARG B 101 -20.34 -26.92 17.98
N LEU B 102 -19.15 -26.84 18.56
CA LEU B 102 -17.96 -26.93 17.75
C LEU B 102 -17.80 -28.35 17.18
N SER B 103 -18.21 -29.38 17.93
CA SER B 103 -18.06 -30.75 17.44
C SER B 103 -18.71 -30.95 16.08
N LYS B 104 -19.92 -30.40 15.90
CA LYS B 104 -20.60 -30.56 14.62
C LYS B 104 -20.05 -29.62 13.55
N PHE B 105 -19.50 -28.47 13.94
CA PHE B 105 -18.88 -27.59 12.96
C PHE B 105 -17.64 -28.20 12.35
N ASP B 106 -17.06 -29.22 12.98
CA ASP B 106 -15.88 -29.89 12.44
C ASP B 106 -16.26 -31.05 11.53
N SER B 107 -17.27 -31.85 11.91
CA SER B 107 -17.68 -32.99 11.11
C SER B 107 -18.39 -32.54 9.84
N GLU B 108 -19.53 -31.87 9.98
CA GLU B 108 -20.41 -31.59 8.85
C GLU B 108 -20.59 -30.10 8.58
N ARG B 109 -19.76 -29.23 9.16
CA ARG B 109 -19.81 -27.78 8.98
C ARG B 109 -21.08 -27.16 9.55
N SER B 110 -21.92 -27.93 10.24
CA SER B 110 -23.18 -27.39 10.74
C SER B 110 -22.94 -26.39 11.86
N ILE B 111 -23.72 -25.31 11.84
CA ILE B 111 -23.72 -24.34 12.94
C ILE B 111 -25.02 -24.52 13.71
N SER B 112 -24.99 -25.40 14.71
CA SER B 112 -26.17 -25.78 15.48
C SER B 112 -26.00 -25.32 16.93
N PHE B 113 -27.12 -24.92 17.54
CA PHE B 113 -27.06 -24.23 18.81
C PHE B 113 -28.46 -24.06 19.38
N ILE B 114 -28.54 -24.00 20.70
CA ILE B 114 -29.72 -23.50 21.40
C ILE B 114 -29.43 -22.05 21.80
N PRO B 115 -30.04 -21.07 21.16
CA PRO B 115 -29.56 -19.69 21.28
C PRO B 115 -29.88 -19.11 22.65
N PRO B 116 -29.15 -18.09 23.09
CA PRO B 116 -29.61 -17.29 24.23
C PRO B 116 -30.93 -16.63 23.90
N ASP B 117 -31.59 -16.13 24.93
CA ASP B 117 -32.74 -15.25 24.72
C ASP B 117 -32.25 -13.83 24.45
N GLY B 118 -32.93 -13.14 23.56
CA GLY B 118 -32.56 -11.78 23.24
C GLY B 118 -31.37 -11.71 22.29
N GLU B 119 -30.71 -10.56 22.34
CA GLU B 119 -29.62 -10.26 21.42
C GLU B 119 -28.34 -10.98 21.83
N PHE B 120 -27.69 -11.62 20.85
CA PHE B 120 -26.38 -12.23 21.08
C PHE B 120 -25.65 -12.30 19.75
N GLU B 121 -24.32 -12.21 19.81
CA GLU B 121 -23.49 -12.36 18.62
C GLU B 121 -23.26 -13.84 18.38
N LEU B 122 -23.79 -14.35 17.26
CA LEU B 122 -23.67 -15.77 16.98
C LEU B 122 -22.26 -16.14 16.54
N MET B 123 -21.63 -15.30 15.73
CA MET B 123 -20.31 -15.62 15.20
C MET B 123 -19.64 -14.36 14.66
N ARG B 124 -18.32 -14.43 14.54
CA ARG B 124 -17.52 -13.40 13.90
C ARG B 124 -16.53 -14.08 12.96
N TYR B 125 -16.18 -13.37 11.88
CA TYR B 125 -15.38 -13.99 10.83
C TYR B 125 -14.53 -12.94 10.13
N ARG B 126 -13.56 -13.44 9.36
CA ARG B 126 -12.69 -12.62 8.53
C ARG B 126 -12.63 -13.22 7.12
N THR B 127 -12.66 -12.36 6.11
CA THR B 127 -12.64 -12.79 4.72
C THR B 127 -11.70 -11.89 3.93
N THR B 128 -10.88 -12.50 3.09
CA THR B 128 -10.01 -11.76 2.18
C THR B 128 -10.20 -12.13 0.71
N LYS B 129 -10.79 -13.28 0.41
CA LYS B 129 -10.83 -13.80 -0.96
C LYS B 129 -12.20 -13.54 -1.58
N ASP B 130 -12.18 -13.04 -2.83
CA ASP B 130 -13.39 -12.82 -3.62
C ASP B 130 -14.32 -11.82 -2.95
N ILE B 131 -13.74 -10.80 -2.32
CA ILE B 131 -14.53 -9.71 -1.76
C ILE B 131 -15.25 -8.98 -2.89
N ILE B 132 -16.40 -8.38 -2.55
CA ILE B 132 -17.13 -7.52 -3.47
C ILE B 132 -16.83 -6.09 -3.04
N LEU B 133 -15.89 -5.46 -3.72
CA LEU B 133 -15.54 -4.07 -3.43
C LEU B 133 -16.66 -3.14 -3.90
N PRO B 134 -17.43 -2.54 -2.99
CA PRO B 134 -18.60 -1.76 -3.43
C PRO B 134 -18.24 -0.55 -4.28
N PHE B 135 -17.03 -0.03 -4.15
CA PHE B 135 -16.64 1.17 -4.88
C PHE B 135 -15.20 1.06 -5.36
N ARG B 136 -14.93 1.67 -6.51
CA ARG B 136 -13.59 1.89 -7.01
C ARG B 136 -13.39 3.40 -7.20
N VAL B 137 -12.27 3.91 -6.71
CA VAL B 137 -11.92 5.32 -6.86
C VAL B 137 -10.82 5.44 -7.89
N ILE B 138 -11.05 6.25 -8.92
CA ILE B 138 -10.04 6.52 -9.93
C ILE B 138 -9.59 7.97 -9.77
N PRO B 139 -8.39 8.22 -9.29
CA PRO B 139 -7.92 9.61 -9.13
C PRO B 139 -6.88 10.00 -10.18
N LEU B 140 -7.00 11.23 -10.70
CA LEU B 140 -6.05 11.79 -11.65
C LEU B 140 -5.73 13.22 -11.22
N VAL B 141 -4.45 13.56 -11.13
CA VAL B 141 -4.02 14.92 -10.82
C VAL B 141 -3.04 15.39 -11.88
N ARG B 142 -3.23 16.62 -12.35
CA ARG B 142 -2.37 17.24 -13.35
C ARG B 142 -1.77 18.50 -12.75
N GLU B 143 -0.46 18.65 -12.86
CA GLU B 143 0.24 19.83 -12.37
C GLU B 143 0.38 20.83 -13.50
N VAL B 144 -0.42 21.89 -13.47
CA VAL B 144 -0.39 22.94 -14.48
C VAL B 144 0.49 24.05 -13.90
N GLY B 145 1.75 24.09 -14.35
CA GLY B 145 2.72 24.96 -13.72
C GLY B 145 2.93 24.55 -12.27
N ARG B 146 3.32 25.53 -11.45
CA ARG B 146 3.45 25.32 -10.02
C ARG B 146 2.49 26.19 -9.23
N THR B 147 1.48 26.76 -9.90
CA THR B 147 0.41 27.50 -9.26
C THR B 147 -0.93 26.79 -9.32
N LYS B 148 -1.18 26.02 -10.36
CA LYS B 148 -2.43 25.30 -10.54
C LYS B 148 -2.22 23.80 -10.32
N LEU B 149 -3.31 23.12 -9.97
CA LEU B 149 -3.34 21.67 -9.84
C LEU B 149 -4.76 21.23 -10.15
N GLU B 150 -4.90 20.31 -11.11
CA GLU B 150 -6.20 19.86 -11.60
C GLU B 150 -6.45 18.44 -11.13
N VAL B 151 -7.64 18.20 -10.58
CA VAL B 151 -7.98 16.93 -9.94
C VAL B 151 -9.30 16.41 -10.50
N LYS B 152 -9.27 15.22 -11.09
CA LYS B 152 -10.45 14.48 -11.49
C LYS B 152 -10.52 13.21 -10.67
N VAL B 153 -11.67 12.92 -10.08
CA VAL B 153 -11.90 11.68 -9.34
C VAL B 153 -13.22 11.09 -9.76
N VAL B 154 -13.19 9.88 -10.32
CA VAL B 154 -14.39 9.13 -10.65
C VAL B 154 -14.56 8.03 -9.63
N ILE B 155 -15.81 7.80 -9.21
CA ILE B 155 -16.15 6.67 -8.34
C ILE B 155 -17.14 5.80 -9.09
N LYS B 156 -16.81 4.52 -9.23
CA LYS B 156 -17.69 3.53 -9.82
C LYS B 156 -18.26 2.65 -8.72
N SER B 157 -19.58 2.44 -8.74
CA SER B 157 -20.24 1.53 -7.83
C SER B 157 -20.33 0.15 -8.48
N ASN B 158 -20.10 -0.89 -7.69
CA ASN B 158 -19.96 -2.25 -8.20
C ASN B 158 -20.93 -3.16 -7.43
N PHE B 159 -22.23 -2.97 -7.63
CA PHE B 159 -23.20 -3.86 -7.02
C PHE B 159 -24.49 -3.81 -7.82
N LYS B 160 -25.41 -4.68 -7.43
CA LYS B 160 -26.68 -4.87 -8.13
C LYS B 160 -27.38 -3.53 -8.35
N PRO B 161 -27.80 -3.22 -9.58
CA PRO B 161 -28.38 -1.89 -9.84
C PRO B 161 -29.64 -1.60 -9.04
N SER B 162 -30.38 -2.62 -8.61
CA SER B 162 -31.56 -2.38 -7.80
C SER B 162 -31.23 -1.98 -6.37
N LEU B 163 -29.95 -2.01 -6.00
CA LEU B 163 -29.52 -1.73 -4.63
C LEU B 163 -28.85 -0.36 -4.56
N LEU B 164 -29.01 0.30 -3.42
CA LEU B 164 -28.50 1.65 -3.21
C LEU B 164 -27.47 1.66 -2.09
N ALA B 165 -26.31 2.27 -2.36
CA ALA B 165 -25.39 2.63 -1.31
C ALA B 165 -25.79 3.98 -0.72
N GLN B 166 -25.39 4.21 0.54
CA GLN B 166 -25.86 5.38 1.25
C GLN B 166 -24.76 5.93 2.13
N LYS B 167 -24.93 7.19 2.55
CA LYS B 167 -23.99 7.90 3.42
C LYS B 167 -22.59 7.92 2.82
N ILE B 168 -22.49 8.22 1.52
CA ILE B 168 -21.21 8.21 0.83
C ILE B 168 -20.48 9.51 1.10
N GLU B 169 -19.29 9.41 1.71
CA GLU B 169 -18.40 10.53 1.90
C GLU B 169 -17.05 10.20 1.28
N VAL B 170 -16.55 11.09 0.43
CA VAL B 170 -15.26 10.93 -0.22
C VAL B 170 -14.35 12.05 0.25
N ARG B 171 -13.17 11.69 0.76
CA ARG B 171 -12.21 12.65 1.26
C ARG B 171 -11.03 12.72 0.30
N ILE B 172 -10.87 13.87 -0.36
CA ILE B 172 -9.80 14.10 -1.30
C ILE B 172 -8.80 15.06 -0.67
N PRO B 173 -7.65 14.58 -0.19
CA PRO B 173 -6.71 15.48 0.48
C PRO B 173 -6.13 16.52 -0.47
N THR B 174 -5.77 17.67 0.10
CA THR B 174 -5.17 18.79 -0.59
C THR B 174 -3.77 19.05 -0.01
N PRO B 175 -2.87 19.63 -0.79
CA PRO B 175 -1.53 19.92 -0.28
C PRO B 175 -1.53 21.11 0.67
N LEU B 176 -0.55 21.11 1.57
CA LEU B 176 -0.54 22.06 2.67
C LEU B 176 -0.47 23.51 2.20
N ASN B 177 0.17 23.76 1.05
CA ASN B 177 0.35 25.11 0.54
C ASN B 177 -0.78 25.57 -0.37
N THR B 178 -2.02 25.15 -0.09
CA THR B 178 -3.15 25.51 -0.94
C THR B 178 -3.57 26.95 -0.70
N SER B 179 -3.66 27.73 -1.79
CA SER B 179 -4.21 29.08 -1.70
C SER B 179 -5.73 29.04 -1.60
N GLY B 180 -6.37 28.29 -2.49
CA GLY B 180 -7.81 28.16 -2.52
C GLY B 180 -8.14 27.18 -3.62
N VAL B 181 -9.40 26.72 -3.62
CA VAL B 181 -9.84 25.73 -4.60
C VAL B 181 -11.27 26.04 -5.02
N GLN B 182 -11.58 25.71 -6.27
CA GLN B 182 -12.93 25.65 -6.79
C GLN B 182 -13.24 24.21 -7.18
N VAL B 183 -14.50 23.80 -6.96
CA VAL B 183 -14.91 22.41 -7.12
C VAL B 183 -16.28 22.35 -7.77
N ILE B 184 -16.45 21.48 -8.77
CA ILE B 184 -17.74 21.21 -9.38
C ILE B 184 -18.04 19.72 -9.28
N CYS B 185 -19.31 19.39 -9.02
CA CYS B 185 -19.78 18.02 -8.96
C CYS B 185 -21.28 18.03 -9.20
N MET B 186 -21.77 17.08 -10.01
CA MET B 186 -23.17 17.07 -10.41
C MET B 186 -24.05 16.17 -9.57
N LYS B 187 -23.50 15.09 -9.00
CA LYS B 187 -24.21 14.31 -7.99
C LYS B 187 -23.70 14.74 -6.62
N GLY B 188 -24.62 15.05 -5.72
CA GLY B 188 -24.25 15.43 -4.37
C GLY B 188 -23.60 16.80 -4.27
N LYS B 189 -23.13 17.10 -3.06
CA LYS B 189 -22.51 18.37 -2.74
C LYS B 189 -21.06 18.15 -2.30
N ALA B 190 -20.25 19.19 -2.44
CA ALA B 190 -18.83 19.13 -2.08
C ALA B 190 -18.39 20.47 -1.51
N LYS B 191 -17.29 20.44 -0.76
CA LYS B 191 -16.82 21.60 -0.02
C LYS B 191 -15.35 21.41 0.34
N TYR B 192 -14.58 22.49 0.30
CA TYR B 192 -13.17 22.48 0.66
C TYR B 192 -13.02 22.92 2.12
N LYS B 193 -12.58 22.01 2.97
CA LYS B 193 -12.32 22.30 4.37
C LYS B 193 -10.81 22.47 4.55
N ALA B 194 -10.38 23.72 4.78
CA ALA B 194 -8.95 24.02 4.82
C ALA B 194 -8.31 23.57 6.13
N SER B 195 -9.03 23.64 7.25
CA SER B 195 -8.50 23.09 8.49
C SER B 195 -8.45 21.57 8.45
N GLU B 196 -9.25 20.94 7.59
CA GLU B 196 -9.19 19.50 7.36
C GLU B 196 -8.21 19.13 6.26
N ASN B 197 -7.70 20.11 5.52
CA ASN B 197 -6.74 19.89 4.43
C ASN B 197 -7.26 18.85 3.43
N ALA B 198 -8.53 18.97 3.07
CA ALA B 198 -9.14 18.00 2.17
C ALA B 198 -10.43 18.56 1.59
N ILE B 199 -10.81 18.01 0.45
CA ILE B 199 -12.12 18.26 -0.15
C ILE B 199 -13.05 17.14 0.28
N VAL B 200 -14.21 17.50 0.82
CA VAL B 200 -15.18 16.54 1.35
C VAL B 200 -16.39 16.53 0.43
N TRP B 201 -16.70 15.35 -0.10
CA TRP B 201 -17.73 15.17 -1.13
C TRP B 201 -18.75 14.16 -0.60
N LYS B 202 -20.01 14.57 -0.54
CA LYS B 202 -21.06 13.78 0.11
C LYS B 202 -22.16 13.44 -0.89
N ILE B 203 -22.55 12.17 -0.91
CA ILE B 203 -23.63 11.68 -1.76
C ILE B 203 -24.61 10.90 -0.88
N LYS B 204 -25.89 11.24 -0.98
CA LYS B 204 -26.89 10.59 -0.14
C LYS B 204 -27.12 9.14 -0.57
N ARG B 205 -27.40 8.92 -1.85
CA ARG B 205 -27.74 7.60 -2.37
C ARG B 205 -27.05 7.41 -3.70
N MET B 206 -26.86 6.13 -4.07
CA MET B 206 -26.24 5.81 -5.35
C MET B 206 -26.42 4.33 -5.70
N ALA B 207 -27.15 4.06 -6.77
CA ALA B 207 -27.36 2.69 -7.22
C ALA B 207 -26.05 2.10 -7.73
N GLY B 208 -26.08 0.79 -7.98
CA GLY B 208 -24.89 0.10 -8.45
C GLY B 208 -24.66 0.26 -9.94
N MET B 209 -23.43 -0.08 -10.35
CA MET B 209 -22.99 0.01 -11.75
C MET B 209 -23.22 1.42 -12.31
N LYS B 210 -22.72 2.42 -11.58
CA LYS B 210 -22.87 3.80 -12.00
C LYS B 210 -21.59 4.57 -11.72
N GLU B 211 -21.35 5.59 -12.54
CA GLU B 211 -20.22 6.49 -12.39
C GLU B 211 -20.66 7.81 -11.75
N SER B 212 -19.67 8.55 -11.24
CA SER B 212 -19.89 9.90 -10.74
C SER B 212 -18.53 10.57 -10.60
N GLN B 213 -18.48 11.87 -10.93
CA GLN B 213 -17.21 12.56 -11.13
C GLN B 213 -17.20 13.87 -10.36
N ILE B 214 -16.02 14.25 -9.87
CA ILE B 214 -15.80 15.52 -9.20
C ILE B 214 -14.55 16.17 -9.80
N SER B 215 -14.62 17.47 -10.04
CA SER B 215 -13.52 18.21 -10.63
C SER B 215 -13.14 19.38 -9.74
N ALA B 216 -11.85 19.59 -9.56
CA ALA B 216 -11.35 20.63 -8.65
C ALA B 216 -10.10 21.27 -9.24
N GLU B 217 -10.17 22.58 -9.49
CA GLU B 217 -8.99 23.36 -9.83
C GLU B 217 -8.43 23.96 -8.53
N ILE B 218 -7.18 23.60 -8.22
CA ILE B 218 -6.56 23.96 -6.94
C ILE B 218 -5.47 24.98 -7.21
N GLU B 219 -5.61 26.17 -6.64
CA GLU B 219 -4.60 27.21 -6.75
C GLU B 219 -3.61 27.09 -5.60
N LEU B 220 -2.35 27.45 -5.87
CA LEU B 220 -1.25 27.10 -4.97
C LEU B 220 -0.40 28.33 -4.66
N LEU B 221 -0.14 28.56 -3.37
CA LEU B 221 0.98 29.40 -2.97
C LEU B 221 2.27 28.79 -3.48
N PRO B 222 3.08 29.52 -4.26
CA PRO B 222 4.34 28.93 -4.73
C PRO B 222 5.28 28.65 -3.56
N THR B 223 5.91 27.48 -3.60
CA THR B 223 6.83 27.04 -2.56
C THR B 223 8.23 26.94 -3.14
N ASN B 224 9.18 27.66 -2.53
CA ASN B 224 10.50 27.81 -3.12
C ASN B 224 11.38 26.57 -2.94
N ASP B 225 11.09 25.78 -1.93
CA ASP B 225 11.66 24.44 -1.84
C ASP B 225 10.74 23.48 -2.56
N LYS B 226 11.31 22.60 -3.39
CA LYS B 226 10.54 21.60 -4.11
C LYS B 226 10.38 20.37 -3.22
N LYS B 227 9.13 19.98 -2.98
CA LYS B 227 8.81 19.07 -1.86
C LYS B 227 7.69 18.11 -2.28
N LYS B 228 8.06 16.94 -2.82
CA LYS B 228 7.06 15.93 -3.15
C LYS B 228 6.63 15.20 -1.87
N TRP B 229 6.13 16.00 -0.94
CA TRP B 229 5.78 15.51 0.40
C TRP B 229 4.71 14.43 0.32
N ALA B 230 4.92 13.34 1.05
CA ALA B 230 3.90 12.32 1.19
C ALA B 230 2.61 12.94 1.71
N ARG B 231 1.49 12.46 1.18
CA ARG B 231 0.18 12.99 1.50
C ARG B 231 -0.77 11.82 1.77
N PRO B 232 -1.84 12.06 2.53
CA PRO B 232 -2.78 10.97 2.84
C PRO B 232 -3.47 10.47 1.58
N PRO B 233 -4.04 9.27 1.62
CA PRO B 233 -4.78 8.77 0.46
C PRO B 233 -6.22 9.29 0.46
N ILE B 234 -6.91 8.98 -0.63
CA ILE B 234 -8.34 9.30 -0.73
C ILE B 234 -9.13 8.21 -0.01
N SER B 235 -9.91 8.60 0.99
CA SER B 235 -10.69 7.67 1.77
C SER B 235 -12.18 7.84 1.46
N MET B 236 -12.93 6.76 1.63
CA MET B 236 -14.37 6.79 1.41
C MET B 236 -15.09 6.15 2.58
N ASN B 237 -16.21 6.74 2.96
CA ASN B 237 -17.20 6.11 3.82
C ASN B 237 -18.44 5.80 3.01
N PHE B 238 -19.10 4.69 3.34
CA PHE B 238 -20.33 4.31 2.66
C PHE B 238 -21.01 3.22 3.46
N GLU B 239 -22.34 3.25 3.42
CA GLU B 239 -23.16 2.16 3.94
C GLU B 239 -23.83 1.45 2.78
N VAL B 240 -23.85 0.12 2.85
CA VAL B 240 -24.34 -0.70 1.75
C VAL B 240 -25.21 -1.81 2.31
N PRO B 241 -26.32 -2.17 1.63
CA PRO B 241 -27.30 -3.12 2.20
C PRO B 241 -27.05 -4.57 1.79
N PHE B 242 -25.79 -4.99 1.83
CA PHE B 242 -25.45 -6.38 1.54
C PHE B 242 -24.09 -6.68 2.16
N ALA B 243 -23.65 -7.92 2.02
CA ALA B 243 -22.40 -8.38 2.61
C ALA B 243 -21.31 -8.36 1.57
N PRO B 244 -20.35 -7.43 1.64
CA PRO B 244 -19.25 -7.43 0.65
C PRO B 244 -18.45 -8.73 0.63
N SER B 245 -18.44 -9.48 1.73
CA SER B 245 -17.84 -10.81 1.71
C SER B 245 -18.57 -11.75 0.77
N GLY B 246 -19.83 -11.45 0.45
CA GLY B 246 -20.67 -12.36 -0.27
C GLY B 246 -21.56 -13.22 0.60
N LEU B 247 -21.53 -12.99 1.92
CA LEU B 247 -22.34 -13.78 2.84
C LEU B 247 -23.82 -13.65 2.52
N LYS B 248 -24.50 -14.78 2.42
CA LYS B 248 -25.95 -14.81 2.26
C LYS B 248 -26.54 -15.84 3.21
N VAL B 249 -27.48 -15.40 4.03
CA VAL B 249 -28.19 -16.30 4.94
C VAL B 249 -29.05 -17.24 4.10
N ARG B 250 -28.67 -18.51 4.07
CA ARG B 250 -29.44 -19.47 3.27
C ARG B 250 -30.59 -20.08 4.04
N TYR B 251 -30.49 -20.18 5.37
CA TYR B 251 -31.63 -20.59 6.20
C TYR B 251 -31.24 -20.43 7.67
N LEU B 252 -32.26 -20.48 8.53
CA LEU B 252 -32.10 -20.68 9.98
C LEU B 252 -33.19 -21.65 10.40
N LYS B 253 -32.86 -22.94 10.42
CA LYS B 253 -33.81 -23.96 10.82
C LYS B 253 -34.02 -23.93 12.33
N VAL B 254 -35.26 -24.12 12.76
CA VAL B 254 -35.63 -24.14 14.17
C VAL B 254 -36.43 -25.41 14.43
N PHE B 255 -36.29 -25.97 15.64
CA PHE B 255 -37.00 -27.19 16.00
C PHE B 255 -37.06 -27.28 17.52
N GLU B 256 -38.26 -27.11 18.07
CA GLU B 256 -38.52 -27.15 19.51
C GLU B 256 -39.44 -28.35 19.78
N PRO B 257 -38.88 -29.51 20.11
CA PRO B 257 -39.71 -30.73 20.16
C PRO B 257 -40.66 -30.81 21.35
N LYS B 258 -40.46 -29.99 22.39
CA LYS B 258 -41.39 -30.03 23.51
C LYS B 258 -42.67 -29.25 23.19
N LEU B 259 -42.53 -28.03 22.69
CA LEU B 259 -43.67 -27.23 22.26
C LEU B 259 -44.09 -27.54 20.82
N ASN B 260 -43.41 -28.48 20.17
CA ASN B 260 -43.65 -28.88 18.78
C ASN B 260 -43.94 -27.71 17.86
N TYR B 261 -42.91 -26.93 17.55
CA TYR B 261 -42.95 -25.93 16.50
C TYR B 261 -41.59 -25.90 15.82
N SER B 262 -41.60 -25.62 14.52
CA SER B 262 -40.37 -25.55 13.75
C SER B 262 -40.25 -24.16 13.11
N ASP B 263 -39.27 -24.02 12.21
CA ASP B 263 -39.08 -22.75 11.53
C ASP B 263 -40.24 -22.42 10.61
N HIS B 264 -40.94 -23.44 10.11
CA HIS B 264 -42.17 -23.21 9.35
C HIS B 264 -43.16 -22.36 10.12
N ASP B 265 -43.05 -22.36 11.45
CA ASP B 265 -43.99 -21.67 12.33
C ASP B 265 -43.42 -20.39 12.91
N VAL B 266 -42.30 -19.89 12.38
CA VAL B 266 -41.66 -18.71 12.94
C VAL B 266 -41.43 -17.67 11.85
N ILE B 267 -41.36 -16.40 12.27
CA ILE B 267 -41.03 -15.29 11.40
C ILE B 267 -39.53 -15.04 11.52
N LYS B 268 -38.89 -14.73 10.40
CA LYS B 268 -37.46 -14.51 10.36
C LYS B 268 -37.20 -13.19 9.65
N TRP B 269 -36.56 -12.25 10.36
CA TRP B 269 -36.23 -10.93 9.83
C TRP B 269 -34.72 -10.86 9.60
N VAL B 270 -34.33 -10.71 8.34
CA VAL B 270 -32.91 -10.72 7.95
C VAL B 270 -32.53 -9.34 7.43
N ARG B 271 -31.37 -8.85 7.87
CA ARG B 271 -30.85 -7.55 7.46
C ARG B 271 -29.35 -7.66 7.24
N TYR B 272 -28.85 -6.91 6.26
CA TYR B 272 -27.43 -6.79 5.98
C TYR B 272 -27.02 -5.32 6.06
N ILE B 273 -25.94 -5.03 6.79
CA ILE B 273 -25.39 -3.68 6.87
C ILE B 273 -23.91 -3.79 6.53
N GLY B 274 -23.56 -3.47 5.29
CA GLY B 274 -22.17 -3.43 4.89
C GLY B 274 -21.57 -2.04 5.06
N ARG B 275 -20.69 -1.88 6.04
CA ARG B 275 -20.03 -0.60 6.28
C ARG B 275 -18.66 -0.57 5.63
N SER B 276 -18.24 0.63 5.27
CA SER B 276 -16.84 0.84 4.93
C SER B 276 -16.00 0.81 6.19
N GLY B 277 -14.86 0.14 6.12
CA GLY B 277 -13.89 0.22 7.19
C GLY B 277 -12.87 1.28 6.87
N ILE B 278 -11.65 0.87 6.59
CA ILE B 278 -10.62 1.74 6.04
C ILE B 278 -10.60 1.49 4.54
N TYR B 279 -11.18 2.43 3.79
CA TYR B 279 -11.36 2.30 2.34
C TYR B 279 -10.56 3.42 1.68
N GLU B 280 -9.26 3.18 1.50
CA GLU B 280 -8.33 4.22 1.09
C GLU B 280 -7.76 3.91 -0.29
N THR B 281 -7.72 4.92 -1.15
CA THR B 281 -7.12 4.84 -2.48
C THR B 281 -6.06 5.92 -2.61
N ARG B 282 -4.86 5.52 -3.01
CA ARG B 282 -3.79 6.50 -3.23
C ARG B 282 -3.91 7.12 -4.61
N CYS B 283 -3.42 8.35 -4.72
CA CYS B 283 -3.49 9.10 -5.97
C CYS B 283 -2.24 8.88 -6.82
N VAL B 326 -37.88 -8.38 30.76
CA VAL B 326 -39.00 -8.05 31.64
C VAL B 326 -40.20 -8.91 31.28
N ASP B 327 -41.18 -9.01 32.19
CA ASP B 327 -42.27 -9.97 32.04
C ASP B 327 -43.59 -9.36 32.50
N GLU B 328 -44.68 -10.08 32.24
CA GLU B 328 -46.02 -9.66 32.63
C GLU B 328 -46.84 -10.83 33.15
N GLU B 329 -47.46 -11.60 32.25
CA GLU B 329 -48.12 -12.85 32.62
C GLU B 329 -47.27 -14.06 32.30
N GLY B 330 -45.96 -13.94 32.40
CA GLY B 330 -45.05 -14.99 31.98
C GLY B 330 -44.66 -14.95 30.52
N TYR B 331 -45.18 -13.98 29.76
CA TYR B 331 -44.86 -13.83 28.35
C TYR B 331 -43.77 -12.78 28.19
N SER B 332 -42.74 -13.11 27.42
CA SER B 332 -41.54 -12.29 27.36
C SER B 332 -41.74 -11.11 26.42
N ILE B 333 -41.19 -9.96 26.80
CA ILE B 333 -41.48 -8.68 26.15
C ILE B 333 -40.28 -8.28 25.31
N LYS B 334 -40.46 -8.30 23.99
CA LYS B 334 -39.43 -7.83 23.08
C LYS B 334 -39.13 -6.36 23.36
N PRO B 335 -37.89 -5.91 23.16
CA PRO B 335 -37.57 -4.50 23.34
C PRO B 335 -38.19 -3.64 22.24
N GLU B 336 -38.42 -2.37 22.58
CA GLU B 336 -39.07 -1.43 21.68
C GLU B 336 -38.04 -0.75 20.79
N THR B 337 -38.43 -0.50 19.54
CA THR B 337 -37.52 0.06 18.54
C THR B 337 -37.97 1.46 18.11
N LYS B 343 -38.65 4.01 8.08
CA LYS B 343 -39.81 3.39 8.69
C LYS B 343 -40.41 2.34 7.78
N GLU B 344 -40.42 1.09 8.24
CA GLU B 344 -40.93 -0.04 7.47
C GLU B 344 -42.25 -0.51 8.07
N ASN B 345 -43.27 -0.63 7.22
CA ASN B 345 -44.61 -1.05 7.65
C ASN B 345 -44.80 -2.52 7.28
N HIS B 346 -44.85 -3.38 8.29
CA HIS B 346 -45.01 -4.82 8.10
C HIS B 346 -46.29 -5.31 8.78
N PHE B 347 -46.90 -6.33 8.17
CA PHE B 347 -48.10 -6.98 8.68
C PHE B 347 -47.84 -7.53 10.07
N TYR B 348 -46.74 -8.26 10.23
CA TYR B 348 -46.41 -8.92 11.50
C TYR B 348 -45.46 -8.10 12.34
N SER B 349 -45.65 -6.79 12.48
CA SER B 349 -44.68 -5.93 13.15
C SER B 349 -44.81 -6.03 14.67
#